data_6RZ4
#
_entry.id   6RZ4
#
_cell.length_a   58.630
_cell.length_b   45.350
_cell.length_c   86.430
_cell.angle_alpha   90.00
_cell.angle_beta   91.47
_cell.angle_gamma   90.00
#
_symmetry.space_group_name_H-M   'P 1 21 1'
#
loop_
_entity.id
_entity.type
_entity.pdbx_description
1 polymer 'Cysteinyl leukotriene receptor 1,Soluble cytochrome b562,Cysteinyl leukotriene receptor 1'
2 non-polymer pranlukast
3 non-polymer 'SODIUM ION'
4 non-polymer '(2R)-2,3-dihydroxypropyl (9Z)-octadec-9-enoate'
5 non-polymer 'OLEIC ACID'
6 water water
#
_entity_poly.entity_id   1
_entity_poly.type   'polypeptide(L)'
_entity_poly.pdbx_seq_one_letter_code
;GGTMDETGNLTVSSATCHDTIDDFRNQVYSTLYSMISVVGFFGNGFVLYVLIKTYHKKSAFQVYMINLAVADLLCVCTLP
LRVVYYVHKGIWLFGDFLCRLSTYALYVNLYCSIFFMTAMSFFRCIAIVFPVQNINLVTQKKARFVCVGIWIFVILTSSP
FLMAKPQKDEKNNTKCFEPPQDNQTKNHVLVLHYVSLFVGFIIPFVIIIVCYTMIILTLLKKSMKSADLEDNWETLNDNL
KVIEKADNAAQVKDALTKMRAAALDAQKATPPKLEDKSPDSPEMKDFRHGFDILVGQIDDALKLANEGKVKEAQAAAEQL
KTTRNAYIQKYLSGKNLSSHKKAIGMIMVVTAAFLVSFMPYHIQRTIHLHFLHNETKPCDSVLRMQKSVVITLSLAASNC
CFDPLLYFFSGGNFRKRLSTFRK
;
_entity_poly.pdbx_strand_id   A
#
# COMPACT_ATOMS: atom_id res chain seq x y z
N SER A 14 19.26 42.78 -6.67
CA SER A 14 18.27 41.73 -6.45
C SER A 14 18.03 41.45 -4.95
N ALA A 15 18.60 42.30 -4.06
CA ALA A 15 18.47 42.21 -2.60
C ALA A 15 17.03 42.34 -2.11
N THR A 16 16.23 43.18 -2.80
CA THR A 16 14.81 43.40 -2.49
C THR A 16 13.98 42.19 -2.94
N CYS A 17 14.34 41.60 -4.11
CA CYS A 17 13.70 40.43 -4.71
C CYS A 17 13.86 39.17 -3.86
N HIS A 18 15.10 38.91 -3.38
CA HIS A 18 15.46 37.75 -2.54
C HIS A 18 14.75 37.79 -1.19
N ASP A 19 14.69 38.98 -0.54
CA ASP A 19 14.05 39.20 0.76
C ASP A 19 12.52 39.02 0.73
N THR A 20 11.88 39.24 -0.44
CA THR A 20 10.43 39.10 -0.62
C THR A 20 9.99 37.65 -0.43
N ILE A 21 10.69 36.70 -1.09
CA ILE A 21 10.40 35.27 -0.99
C ILE A 21 10.86 34.72 0.37
N ASP A 22 11.95 35.30 0.92
CA ASP A 22 12.54 34.93 2.22
C ASP A 22 11.54 35.00 3.38
N ASP A 23 10.60 35.96 3.33
CA ASP A 23 9.55 36.15 4.34
C ASP A 23 8.61 34.94 4.37
N PHE A 24 8.20 34.45 3.17
CA PHE A 24 7.33 33.29 3.00
C PHE A 24 8.11 32.00 3.35
N ARG A 25 9.29 31.82 2.74
CA ARG A 25 10.20 30.67 2.90
C ARG A 25 10.46 30.32 4.38
N ASN A 26 10.85 31.32 5.19
CA ASN A 26 11.16 31.15 6.61
C ASN A 26 9.96 30.80 7.47
N GLN A 27 8.80 31.43 7.19
CA GLN A 27 7.55 31.22 7.95
C GLN A 27 6.94 29.83 7.71
N VAL A 28 6.77 29.45 6.42
CA VAL A 28 6.16 28.19 5.99
C VAL A 28 7.03 26.98 6.37
N TYR A 29 8.34 27.01 6.07
CA TYR A 29 9.27 25.91 6.38
C TYR A 29 9.38 25.60 7.88
N SER A 30 9.46 26.65 8.73
CA SER A 30 9.58 26.50 10.18
C SER A 30 8.34 25.89 10.80
N THR A 31 7.15 26.33 10.37
CA THR A 31 5.86 25.86 10.88
C THR A 31 5.58 24.41 10.46
N LEU A 32 5.83 24.08 9.18
CA LEU A 32 5.57 22.74 8.64
C LEU A 32 6.56 21.69 9.12
N TYR A 33 7.89 22.00 9.14
CA TYR A 33 8.90 21.05 9.61
C TYR A 33 8.72 20.72 11.10
N SER A 34 8.14 21.67 11.88
CA SER A 34 7.88 21.50 13.31
C SER A 34 6.81 20.43 13.57
N MET A 35 5.66 20.53 12.88
CA MET A 35 4.57 19.55 13.01
C MET A 35 4.93 18.22 12.35
N ILE A 36 5.69 18.25 11.24
CA ILE A 36 6.17 17.05 10.54
C ILE A 36 7.17 16.28 11.46
N SER A 37 7.94 17.02 12.29
CA SER A 37 8.88 16.43 13.27
C SER A 37 8.13 15.77 14.42
N VAL A 38 7.03 16.39 14.90
CA VAL A 38 6.22 15.88 16.02
C VAL A 38 5.39 14.66 15.57
N VAL A 39 4.51 14.86 14.56
CA VAL A 39 3.64 13.81 13.99
C VAL A 39 4.48 12.61 13.48
N GLY A 40 5.64 12.90 12.89
CA GLY A 40 6.58 11.90 12.39
C GLY A 40 7.22 11.07 13.49
N PHE A 41 7.73 11.74 14.56
CA PHE A 41 8.37 11.07 15.70
C PHE A 41 7.39 10.28 16.55
N PHE A 42 6.28 10.90 16.98
CA PHE A 42 5.24 10.27 17.80
C PHE A 42 4.41 9.21 17.03
N GLY A 43 4.36 9.34 15.71
CA GLY A 43 3.67 8.41 14.84
C GLY A 43 4.49 7.15 14.60
N ASN A 44 5.68 7.31 13.99
CA ASN A 44 6.61 6.21 13.69
C ASN A 44 7.19 5.54 14.93
N GLY A 45 7.39 6.31 16.00
CA GLY A 45 7.90 5.81 17.27
C GLY A 45 6.94 4.82 17.90
N PHE A 46 5.62 5.10 17.81
CA PHE A 46 4.53 4.26 18.28
C PHE A 46 4.45 2.99 17.44
N VAL A 47 4.63 3.13 16.10
CA VAL A 47 4.61 2.05 15.11
C VAL A 47 5.73 1.04 15.39
N LEU A 48 6.97 1.53 15.60
CA LEU A 48 8.14 0.70 15.88
C LEU A 48 8.02 -0.01 17.23
N TYR A 49 7.44 0.65 18.25
CA TYR A 49 7.20 0.11 19.59
C TYR A 49 6.29 -1.11 19.56
N VAL A 50 5.25 -1.08 18.70
CA VAL A 50 4.28 -2.17 18.53
C VAL A 50 4.93 -3.36 17.80
N LEU A 51 5.63 -3.10 16.68
CA LEU A 51 6.32 -4.10 15.87
C LEU A 51 7.38 -4.90 16.61
N ILE A 52 8.11 -4.26 17.56
CA ILE A 52 9.13 -4.90 18.39
C ILE A 52 8.46 -5.86 19.40
N LYS A 53 7.36 -5.41 20.04
N LYS A 53 7.36 -5.41 20.04
CA LYS A 53 6.58 -6.19 21.01
CA LYS A 53 6.58 -6.20 21.01
C LYS A 53 5.86 -7.37 20.35
C LYS A 53 5.86 -7.38 20.35
N THR A 54 5.40 -7.19 19.09
CA THR A 54 4.70 -8.21 18.31
C THR A 54 5.73 -8.97 17.45
N TYR A 55 6.66 -9.68 18.12
CA TYR A 55 7.73 -10.45 17.49
C TYR A 55 7.28 -11.86 17.07
N HIS A 56 6.26 -12.42 17.78
CA HIS A 56 5.68 -13.74 17.51
C HIS A 56 5.07 -13.87 16.12
N LYS A 57 4.46 -12.77 15.61
CA LYS A 57 3.84 -12.73 14.28
C LYS A 57 4.77 -12.00 13.29
N LYS A 58 5.59 -12.78 12.57
CA LYS A 58 6.54 -12.26 11.59
C LYS A 58 5.94 -12.31 10.18
N SER A 59 5.88 -11.14 9.53
CA SER A 59 5.33 -10.97 8.18
C SER A 59 6.25 -10.11 7.30
N ALA A 60 6.11 -10.25 5.97
CA ALA A 60 6.87 -9.47 4.98
C ALA A 60 6.49 -7.99 5.07
N PHE A 61 5.21 -7.69 5.37
CA PHE A 61 4.66 -6.35 5.57
C PHE A 61 5.30 -5.69 6.80
N GLN A 62 5.53 -6.47 7.87
CA GLN A 62 6.15 -6.03 9.13
C GLN A 62 7.60 -5.62 8.91
N VAL A 63 8.31 -6.34 8.00
CA VAL A 63 9.71 -6.06 7.62
C VAL A 63 9.79 -4.69 6.96
N TYR A 64 8.86 -4.39 6.02
CA TYR A 64 8.79 -3.10 5.33
C TYR A 64 8.39 -1.96 6.27
N MET A 65 7.51 -2.25 7.25
CA MET A 65 7.05 -1.26 8.22
C MET A 65 8.14 -0.84 9.22
N ILE A 66 9.04 -1.77 9.60
CA ILE A 66 10.16 -1.48 10.51
C ILE A 66 11.14 -0.56 9.77
N ASN A 67 11.51 -0.94 8.53
CA ASN A 67 12.43 -0.19 7.66
C ASN A 67 11.90 1.21 7.32
N LEU A 68 10.59 1.35 7.08
CA LEU A 68 9.94 2.63 6.79
C LEU A 68 9.98 3.57 7.99
N ALA A 69 9.74 3.03 9.21
CA ALA A 69 9.75 3.80 10.45
C ALA A 69 11.19 4.27 10.79
N VAL A 70 12.19 3.38 10.61
CA VAL A 70 13.61 3.67 10.86
C VAL A 70 14.08 4.83 9.96
N ALA A 71 13.81 4.74 8.64
CA ALA A 71 14.14 5.77 7.65
C ALA A 71 13.47 7.11 7.97
N ASP A 72 12.26 7.08 8.59
CA ASP A 72 11.52 8.28 9.00
C ASP A 72 12.11 8.88 10.25
N LEU A 73 12.41 8.04 11.27
CA LEU A 73 12.99 8.47 12.54
C LEU A 73 14.36 9.12 12.35
N LEU A 74 15.19 8.56 11.44
CA LEU A 74 16.50 9.10 11.08
C LEU A 74 16.38 10.48 10.40
N CYS A 75 15.26 10.71 9.68
CA CYS A 75 14.96 11.97 8.99
C CYS A 75 14.38 13.02 9.92
N VAL A 76 13.40 12.63 10.79
CA VAL A 76 12.76 13.55 11.74
C VAL A 76 13.74 14.06 12.81
N CYS A 77 14.84 13.32 13.05
CA CYS A 77 15.89 13.71 13.99
C CYS A 77 16.77 14.81 13.40
N THR A 78 16.83 14.90 12.05
CA THR A 78 17.61 15.91 11.32
C THR A 78 16.75 17.11 10.91
N LEU A 79 15.41 16.95 10.93
CA LEU A 79 14.44 18.01 10.59
C LEU A 79 14.43 19.20 11.59
N PRO A 80 14.64 19.07 12.94
CA PRO A 80 14.63 20.27 13.80
C PRO A 80 15.81 21.21 13.52
N LEU A 81 16.89 20.69 12.90
CA LEU A 81 18.08 21.47 12.51
C LEU A 81 17.68 22.42 11.38
N ARG A 82 16.72 21.99 10.53
CA ARG A 82 16.16 22.78 9.44
C ARG A 82 15.27 23.88 10.03
N VAL A 83 14.56 23.59 11.14
CA VAL A 83 13.69 24.54 11.85
C VAL A 83 14.55 25.70 12.39
N VAL A 84 15.66 25.36 13.09
CA VAL A 84 16.63 26.32 13.66
C VAL A 84 17.17 27.25 12.56
N TYR A 85 17.42 26.70 11.35
CA TYR A 85 17.93 27.43 10.18
C TYR A 85 16.98 28.54 9.72
N TYR A 86 15.71 28.21 9.43
CA TYR A 86 14.73 29.17 8.92
C TYR A 86 14.24 30.17 9.99
N VAL A 87 14.27 29.78 11.29
CA VAL A 87 13.89 30.66 12.40
C VAL A 87 14.96 31.77 12.54
N HIS A 88 16.25 31.41 12.37
CA HIS A 88 17.40 32.31 12.43
C HIS A 88 17.66 33.05 11.10
N LYS A 89 16.58 33.53 10.45
CA LYS A 89 16.57 34.31 9.19
C LYS A 89 17.42 33.70 8.06
N GLY A 90 17.40 32.37 7.95
CA GLY A 90 18.12 31.63 6.92
C GLY A 90 19.64 31.58 7.06
N ILE A 91 20.15 31.40 8.30
CA ILE A 91 21.59 31.31 8.56
C ILE A 91 21.89 29.97 9.27
N TRP A 92 22.84 29.19 8.73
CA TRP A 92 23.23 27.88 9.27
C TRP A 92 24.23 28.00 10.43
N LEU A 93 23.71 27.82 11.67
CA LEU A 93 24.47 27.91 12.91
C LEU A 93 25.30 26.67 13.23
N PHE A 94 25.05 25.56 12.52
CA PHE A 94 25.75 24.28 12.70
C PHE A 94 26.97 24.18 11.76
N GLY A 95 27.66 23.03 11.79
CA GLY A 95 28.84 22.79 10.97
C GLY A 95 28.53 22.50 9.51
N ASP A 96 29.59 22.52 8.65
CA ASP A 96 29.49 22.24 7.22
C ASP A 96 29.08 20.79 6.96
N PHE A 97 29.56 19.86 7.82
CA PHE A 97 29.24 18.43 7.76
C PHE A 97 27.75 18.21 8.06
N LEU A 98 27.20 18.93 9.05
CA LEU A 98 25.79 18.84 9.43
C LEU A 98 24.87 19.34 8.33
N CYS A 99 25.30 20.36 7.55
CA CYS A 99 24.56 20.89 6.41
C CYS A 99 24.52 19.83 5.32
N ARG A 100 25.63 19.10 5.13
CA ARG A 100 25.75 18.02 4.15
C ARG A 100 24.96 16.78 4.58
N LEU A 101 24.96 16.46 5.89
CA LEU A 101 24.26 15.30 6.47
C LEU A 101 22.74 15.48 6.50
N SER A 102 22.24 16.69 6.84
CA SER A 102 20.81 17.01 6.90
C SER A 102 20.15 16.91 5.53
N THR A 103 20.85 17.41 4.48
CA THR A 103 20.41 17.37 3.09
C THR A 103 20.39 15.91 2.60
N TYR A 104 21.40 15.13 3.02
CA TYR A 104 21.57 13.71 2.71
C TYR A 104 20.44 12.89 3.32
N ALA A 105 20.13 13.11 4.62
CA ALA A 105 19.09 12.41 5.38
C ALA A 105 17.71 12.48 4.75
N LEU A 106 17.28 13.67 4.26
CA LEU A 106 15.98 13.86 3.64
C LEU A 106 15.85 13.09 2.32
N TYR A 107 16.91 13.11 1.47
CA TYR A 107 16.92 12.37 0.20
C TYR A 107 16.89 10.87 0.45
N VAL A 108 17.76 10.39 1.37
CA VAL A 108 17.86 8.97 1.76
C VAL A 108 16.47 8.48 2.18
N ASN A 109 15.82 9.19 3.11
CA ASN A 109 14.48 8.88 3.60
C ASN A 109 13.45 8.86 2.47
N LEU A 110 13.47 9.87 1.59
CA LEU A 110 12.55 10.00 0.45
C LEU A 110 12.61 8.80 -0.50
N TYR A 111 13.82 8.45 -0.97
CA TYR A 111 14.00 7.34 -1.88
C TYR A 111 13.90 5.98 -1.19
N CYS A 112 14.19 5.91 0.13
CA CYS A 112 14.01 4.66 0.90
C CYS A 112 12.51 4.39 0.99
N SER A 113 11.70 5.44 1.31
CA SER A 113 10.25 5.39 1.39
C SER A 113 9.63 4.91 0.09
N ILE A 114 10.07 5.48 -1.06
CA ILE A 114 9.59 5.11 -2.41
C ILE A 114 9.84 3.63 -2.69
N PHE A 115 11.11 3.18 -2.57
CA PHE A 115 11.51 1.79 -2.82
C PHE A 115 10.91 0.78 -1.84
N PHE A 116 10.68 1.19 -0.57
CA PHE A 116 10.06 0.29 0.41
C PHE A 116 8.58 0.10 0.11
N MET A 117 7.89 1.20 -0.26
CA MET A 117 6.47 1.18 -0.64
C MET A 117 6.27 0.43 -1.97
N THR A 118 7.30 0.44 -2.84
CA THR A 118 7.28 -0.25 -4.14
C THR A 118 7.39 -1.75 -3.91
N ALA A 119 8.39 -2.18 -3.13
CA ALA A 119 8.65 -3.58 -2.80
C ALA A 119 7.48 -4.18 -2.01
N MET A 120 6.85 -3.38 -1.10
CA MET A 120 5.69 -3.75 -0.30
C MET A 120 4.50 -4.02 -1.23
N SER A 121 4.33 -3.17 -2.27
CA SER A 121 3.26 -3.30 -3.26
C SER A 121 3.45 -4.52 -4.16
N PHE A 122 4.71 -4.83 -4.53
CA PHE A 122 5.02 -6.00 -5.35
C PHE A 122 4.84 -7.30 -4.56
N PHE A 123 5.26 -7.30 -3.28
CA PHE A 123 5.13 -8.48 -2.41
C PHE A 123 3.68 -8.79 -2.05
N ARG A 124 2.84 -7.74 -1.93
CA ARG A 124 1.41 -7.89 -1.63
C ARG A 124 0.68 -8.37 -2.89
N CYS A 125 1.13 -7.92 -4.08
CA CYS A 125 0.57 -8.28 -5.40
C CYS A 125 0.67 -9.78 -5.66
N ILE A 126 1.85 -10.38 -5.39
CA ILE A 126 2.10 -11.81 -5.54
C ILE A 126 1.24 -12.60 -4.55
N ALA A 127 1.06 -12.08 -3.32
CA ALA A 127 0.24 -12.71 -2.28
C ALA A 127 -1.25 -12.75 -2.64
N ILE A 128 -1.72 -11.76 -3.44
CA ILE A 128 -3.11 -11.65 -3.89
C ILE A 128 -3.36 -12.45 -5.18
N VAL A 129 -2.51 -12.27 -6.20
CA VAL A 129 -2.62 -12.95 -7.49
C VAL A 129 -2.28 -14.47 -7.38
N PHE A 130 -1.19 -14.81 -6.66
CA PHE A 130 -0.74 -16.19 -6.46
C PHE A 130 -0.85 -16.57 -4.96
N PRO A 131 -2.05 -16.96 -4.46
CA PRO A 131 -2.16 -17.32 -3.04
C PRO A 131 -1.74 -18.73 -2.67
N VAL A 132 -1.67 -19.65 -3.66
CA VAL A 132 -1.32 -21.05 -3.46
C VAL A 132 0.19 -21.23 -3.16
N GLN A 133 1.05 -20.61 -3.99
CA GLN A 133 2.51 -20.68 -3.86
C GLN A 133 3.09 -19.78 -2.76
N ASN A 134 2.29 -18.80 -2.28
CA ASN A 134 2.70 -17.84 -1.24
C ASN A 134 2.85 -18.48 0.15
N ILE A 135 4.00 -18.24 0.79
CA ILE A 135 4.32 -18.70 2.14
C ILE A 135 4.75 -17.49 2.97
N ASN A 136 3.92 -17.14 3.97
CA ASN A 136 4.06 -15.98 4.87
C ASN A 136 5.44 -15.77 5.50
N LEU A 137 6.04 -16.84 6.06
CA LEU A 137 7.36 -16.76 6.71
C LEU A 137 8.54 -16.89 5.73
N VAL A 138 8.32 -17.54 4.57
CA VAL A 138 9.35 -17.72 3.53
C VAL A 138 9.60 -16.41 2.78
N THR A 139 8.52 -15.61 2.57
CA THR A 139 8.57 -14.30 1.91
C THR A 139 9.17 -13.25 2.85
N GLN A 140 9.03 -13.46 4.18
CA GLN A 140 9.55 -12.60 5.24
C GLN A 140 11.08 -12.52 5.17
N LYS A 141 11.74 -13.67 4.95
CA LYS A 141 13.20 -13.77 4.80
C LYS A 141 13.64 -13.13 3.47
N LYS A 142 12.81 -13.28 2.42
CA LYS A 142 13.04 -12.70 1.09
C LYS A 142 12.90 -11.17 1.12
N ALA A 143 12.00 -10.65 1.99
CA ALA A 143 11.76 -9.21 2.16
C ALA A 143 12.93 -8.51 2.87
N ARG A 144 13.62 -9.24 3.77
CA ARG A 144 14.78 -8.74 4.52
C ARG A 144 15.97 -8.48 3.60
N PHE A 145 16.13 -9.32 2.55
CA PHE A 145 17.19 -9.19 1.54
C PHE A 145 16.90 -8.03 0.59
N VAL A 146 15.61 -7.75 0.32
CA VAL A 146 15.17 -6.66 -0.54
C VAL A 146 15.43 -5.33 0.18
N CYS A 147 15.19 -5.29 1.51
CA CYS A 147 15.40 -4.12 2.37
C CYS A 147 16.86 -3.67 2.44
N VAL A 148 17.79 -4.63 2.65
CA VAL A 148 19.23 -4.33 2.70
C VAL A 148 19.74 -3.93 1.30
N GLY A 149 19.15 -4.54 0.26
CA GLY A 149 19.44 -4.23 -1.14
C GLY A 149 19.05 -2.81 -1.49
N ILE A 150 17.96 -2.31 -0.87
CA ILE A 150 17.47 -0.94 -1.04
C ILE A 150 18.40 0.02 -0.26
N TRP A 151 18.66 -0.28 1.04
CA TRP A 151 19.51 0.52 1.92
C TRP A 151 20.92 0.74 1.34
N ILE A 152 21.59 -0.35 0.91
CA ILE A 152 22.93 -0.29 0.30
C ILE A 152 22.91 0.54 -0.98
N PHE A 153 21.86 0.40 -1.82
CA PHE A 153 21.73 1.17 -3.06
C PHE A 153 21.56 2.67 -2.80
N VAL A 154 20.55 3.04 -1.98
CA VAL A 154 20.21 4.43 -1.65
C VAL A 154 21.40 5.18 -1.02
N ILE A 155 22.01 4.59 0.05
CA ILE A 155 23.17 5.15 0.77
C ILE A 155 24.33 5.49 -0.17
N LEU A 156 24.71 4.54 -1.06
CA LEU A 156 25.82 4.74 -2.01
C LEU A 156 25.49 5.68 -3.17
N THR A 157 24.21 5.76 -3.59
CA THR A 157 23.80 6.63 -4.70
C THR A 157 23.55 8.08 -4.26
N SER A 158 23.22 8.28 -2.96
CA SER A 158 22.97 9.61 -2.39
C SER A 158 24.28 10.22 -1.84
N SER A 159 25.38 9.43 -1.85
CA SER A 159 26.72 9.80 -1.36
C SER A 159 27.29 11.12 -1.96
N PRO A 160 27.11 11.51 -3.27
CA PRO A 160 27.68 12.79 -3.73
C PRO A 160 27.30 14.02 -2.91
N PHE A 161 26.15 13.97 -2.20
CA PHE A 161 25.68 15.06 -1.34
C PHE A 161 26.46 15.16 -0.02
N LEU A 162 27.10 14.05 0.42
CA LEU A 162 27.93 14.01 1.62
C LEU A 162 29.30 14.66 1.36
N MET A 163 29.70 14.73 0.07
CA MET A 163 30.95 15.34 -0.40
C MET A 163 30.69 16.60 -1.26
N ALA A 164 29.52 17.24 -1.05
CA ALA A 164 29.10 18.44 -1.76
C ALA A 164 29.85 19.69 -1.30
N LYS A 165 29.87 20.73 -2.16
CA LYS A 165 30.54 22.01 -1.88
C LYS A 165 29.72 22.88 -0.89
N PRO A 166 30.37 23.56 0.09
CA PRO A 166 29.61 24.39 1.04
C PRO A 166 28.98 25.64 0.40
N GLN A 167 27.74 25.95 0.83
CA GLN A 167 26.95 27.09 0.32
C GLN A 167 27.17 28.35 1.14
N LYS A 168 27.46 29.48 0.46
CA LYS A 168 27.72 30.78 1.07
C LYS A 168 26.88 31.88 0.41
N ASP A 169 26.51 32.91 1.20
CA ASP A 169 25.73 34.07 0.78
C ASP A 169 26.65 35.19 0.25
N GLU A 170 26.05 36.28 -0.29
CA GLU A 170 26.74 37.47 -0.83
C GLU A 170 27.57 38.18 0.26
N LYS A 171 27.17 38.06 1.53
CA LYS A 171 27.85 38.63 2.69
C LYS A 171 28.64 37.54 3.47
N ASN A 172 29.03 36.46 2.73
CA ASN A 172 29.79 35.29 3.20
C ASN A 172 29.09 34.48 4.34
N ASN A 173 27.76 34.64 4.48
CA ASN A 173 26.96 33.93 5.49
C ASN A 173 26.80 32.46 5.13
N THR A 174 26.98 31.56 6.11
CA THR A 174 26.84 30.11 5.92
C THR A 174 25.37 29.75 5.72
N LYS A 175 25.03 29.31 4.50
CA LYS A 175 23.67 28.92 4.11
C LYS A 175 23.57 27.42 3.85
N CYS A 176 22.33 26.89 3.93
CA CYS A 176 22.04 25.48 3.72
C CYS A 176 20.72 25.32 2.95
N PHE A 177 20.53 24.13 2.31
CA PHE A 177 19.34 23.73 1.52
C PHE A 177 18.99 24.77 0.43
N GLU A 178 20.04 25.27 -0.24
CA GLU A 178 19.98 26.29 -1.29
C GLU A 178 20.11 25.66 -2.69
N PRO A 179 19.63 26.33 -3.77
CA PRO A 179 19.83 25.78 -5.12
C PRO A 179 21.32 25.81 -5.50
N PRO A 180 21.82 24.94 -6.42
CA PRO A 180 23.26 24.95 -6.76
C PRO A 180 23.77 26.32 -7.25
N GLN A 181 24.84 26.80 -6.59
CA GLN A 181 25.46 28.10 -6.87
C GLN A 181 26.21 28.14 -8.21
N ASP A 182 27.38 27.46 -8.28
CA ASP A 182 28.22 27.40 -9.48
C ASP A 182 27.63 26.47 -10.56
N ASN A 183 28.06 26.64 -11.81
CA ASN A 183 27.63 25.84 -12.96
C ASN A 183 28.08 24.37 -12.90
N GLN A 184 29.19 24.08 -12.19
CA GLN A 184 29.71 22.72 -12.03
C GLN A 184 28.78 21.90 -11.12
N THR A 185 28.31 22.51 -10.01
CA THR A 185 27.38 21.88 -9.06
C THR A 185 26.02 21.70 -9.74
N LYS A 186 25.59 22.67 -10.57
CA LYS A 186 24.35 22.65 -11.35
C LYS A 186 24.32 21.44 -12.30
N ASN A 187 25.50 21.07 -12.84
CA ASN A 187 25.68 19.92 -13.74
C ASN A 187 25.70 18.61 -12.95
N HIS A 188 26.42 18.59 -11.80
CA HIS A 188 26.56 17.42 -10.93
C HIS A 188 25.25 16.94 -10.32
N VAL A 189 24.30 17.86 -10.08
CA VAL A 189 22.98 17.52 -9.51
C VAL A 189 21.97 17.18 -10.61
N LEU A 190 22.17 17.73 -11.84
CA LEU A 190 21.33 17.47 -13.00
C LEU A 190 21.53 16.03 -13.46
N VAL A 191 22.77 15.52 -13.35
CA VAL A 191 23.12 14.14 -13.68
C VAL A 191 22.45 13.19 -12.69
N LEU A 192 22.42 13.57 -11.39
CA LEU A 192 21.79 12.78 -10.32
C LEU A 192 20.26 12.85 -10.39
N HIS A 193 19.71 13.99 -10.84
CA HIS A 193 18.28 14.23 -10.96
C HIS A 193 17.61 13.27 -11.95
N TYR A 194 18.15 13.18 -13.19
CA TYR A 194 17.64 12.31 -14.26
C TYR A 194 17.62 10.84 -13.87
N VAL A 195 18.66 10.37 -13.16
CA VAL A 195 18.77 8.98 -12.70
C VAL A 195 17.71 8.73 -11.61
N SER A 196 17.64 9.62 -10.60
CA SER A 196 16.69 9.54 -9.48
C SER A 196 15.24 9.77 -9.89
N LEU A 197 15.00 10.39 -11.07
CA LEU A 197 13.64 10.63 -11.57
C LEU A 197 13.14 9.35 -12.23
N PHE A 198 14.01 8.69 -13.04
CA PHE A 198 13.66 7.46 -13.73
C PHE A 198 13.71 6.24 -12.81
N VAL A 199 14.89 5.92 -12.25
CA VAL A 199 15.12 4.77 -11.38
C VAL A 199 14.39 4.92 -10.03
N GLY A 200 14.45 6.11 -9.44
CA GLY A 200 13.87 6.38 -8.12
C GLY A 200 12.44 6.89 -8.06
N PHE A 201 11.77 7.08 -9.22
CA PHE A 201 10.38 7.56 -9.20
C PHE A 201 9.49 6.97 -10.30
N ILE A 202 9.77 7.29 -11.59
CA ILE A 202 8.98 6.85 -12.76
C ILE A 202 8.77 5.32 -12.77
N ILE A 203 9.87 4.53 -12.75
CA ILE A 203 9.81 3.07 -12.74
C ILE A 203 9.05 2.55 -11.49
N PRO A 204 9.41 2.91 -10.23
CA PRO A 204 8.61 2.47 -9.07
C PRO A 204 7.14 2.88 -9.14
N PHE A 205 6.83 4.05 -9.76
CA PHE A 205 5.47 4.53 -9.95
C PHE A 205 4.73 3.62 -10.93
N VAL A 206 5.36 3.28 -12.08
CA VAL A 206 4.82 2.36 -13.09
C VAL A 206 4.54 1.01 -12.41
N ILE A 207 5.49 0.51 -11.59
CA ILE A 207 5.35 -0.74 -10.84
C ILE A 207 4.08 -0.68 -9.95
N ILE A 208 3.89 0.42 -9.19
CA ILE A 208 2.72 0.62 -8.33
C ILE A 208 1.42 0.65 -9.16
N ILE A 209 1.42 1.36 -10.33
CA ILE A 209 0.27 1.45 -11.22
C ILE A 209 -0.08 0.05 -11.77
N VAL A 210 0.93 -0.72 -12.23
CA VAL A 210 0.78 -2.09 -12.75
C VAL A 210 0.29 -3.04 -11.64
N CYS A 211 1.01 -3.10 -10.49
CA CYS A 211 0.69 -3.93 -9.32
C CYS A 211 -0.74 -3.73 -8.86
N TYR A 212 -1.15 -2.45 -8.67
CA TYR A 212 -2.49 -2.09 -8.19
C TYR A 212 -3.59 -2.40 -9.18
N THR A 213 -3.29 -2.36 -10.50
CA THR A 213 -4.27 -2.73 -11.54
C THR A 213 -4.55 -4.23 -11.39
N MET A 214 -3.49 -5.04 -11.21
CA MET A 214 -3.58 -6.50 -11.04
C MET A 214 -4.30 -6.88 -9.75
N ILE A 215 -4.05 -6.14 -8.65
CA ILE A 215 -4.67 -6.39 -7.34
C ILE A 215 -6.19 -6.12 -7.40
N ILE A 216 -6.60 -4.90 -7.84
CA ILE A 216 -8.02 -4.54 -7.92
C ILE A 216 -8.79 -5.52 -8.84
N LEU A 217 -8.19 -5.93 -9.97
CA LEU A 217 -8.77 -6.89 -10.91
C LEU A 217 -8.99 -8.26 -10.28
N THR A 218 -8.01 -8.73 -9.47
CA THR A 218 -8.07 -10.01 -8.77
C THR A 218 -9.16 -9.93 -7.68
N LEU A 219 -9.20 -8.83 -6.92
CA LEU A 219 -10.19 -8.63 -5.87
C LEU A 219 -11.62 -8.47 -6.41
N LEU A 220 -11.77 -7.75 -7.56
CA LEU A 220 -13.06 -7.54 -8.24
C LEU A 220 -13.67 -8.85 -8.73
N LYS A 221 -12.81 -9.79 -9.18
CA LYS A 221 -13.22 -11.12 -9.65
C LYS A 221 -13.54 -12.03 -8.45
N LYS A 222 -12.64 -12.07 -7.44
CA LYS A 222 -12.81 -12.89 -6.24
C LYS A 222 -14.02 -12.51 -5.40
N SER A 223 -14.34 -11.21 -5.31
CA SER A 223 -15.49 -10.72 -4.56
C SER A 223 -16.79 -11.05 -5.28
N MET A 224 -16.78 -11.01 -6.64
CA MET A 224 -17.93 -11.32 -7.49
C MET A 224 -18.28 -12.81 -7.41
N LYS A 225 -17.25 -13.69 -7.40
CA LYS A 225 -17.40 -15.14 -7.29
C LYS A 225 -17.88 -15.52 -5.89
N SER A 226 -17.49 -14.72 -4.87
CA SER A 226 -17.89 -14.89 -3.48
C SER A 226 -19.34 -14.45 -3.31
N ALA A 227 -19.80 -13.48 -4.13
CA ALA A 227 -21.18 -12.97 -4.12
C ALA A 227 -22.13 -14.00 -4.74
N ASP A 228 -21.68 -14.70 -5.80
CA ASP A 228 -22.43 -15.76 -6.47
C ASP A 228 -22.58 -16.97 -5.55
N LEU A 229 -21.49 -17.32 -4.84
CA LEU A 229 -21.44 -18.44 -3.88
C LEU A 229 -22.45 -18.21 -2.74
N GLU A 230 -22.55 -16.96 -2.24
CA GLU A 230 -23.49 -16.58 -1.19
C GLU A 230 -24.93 -16.57 -1.69
N ASP A 231 -25.13 -16.22 -2.98
CA ASP A 231 -26.44 -16.20 -3.65
C ASP A 231 -26.98 -17.61 -3.85
N ASN A 232 -26.10 -18.55 -4.24
CA ASN A 232 -26.44 -19.96 -4.43
C ASN A 232 -26.77 -20.62 -3.09
N TRP A 233 -26.02 -20.27 -2.03
N TRP A 233 -26.02 -20.25 -2.04
CA TRP A 233 -26.26 -20.81 -0.69
CA TRP A 233 -26.18 -20.74 -0.66
C TRP A 233 -27.50 -20.21 -0.03
C TRP A 233 -27.47 -20.20 -0.02
N GLU A 234 -27.87 -18.97 -0.40
CA GLU A 234 -29.08 -18.29 0.10
C GLU A 234 -30.32 -18.93 -0.48
N THR A 235 -30.32 -19.21 -1.81
CA THR A 235 -31.42 -19.86 -2.52
C THR A 235 -31.62 -21.32 -2.07
N LEU A 236 -30.50 -22.03 -1.78
CA LEU A 236 -30.50 -23.42 -1.29
C LEU A 236 -31.21 -23.53 0.06
N ASN A 237 -31.06 -22.50 0.91
CA ASN A 237 -31.68 -22.41 2.24
C ASN A 237 -33.11 -21.86 2.14
N ASP A 238 -33.36 -20.93 1.19
CA ASP A 238 -34.67 -20.31 0.97
C ASP A 238 -35.66 -21.31 0.40
N ASN A 239 -35.25 -22.10 -0.62
CA ASN A 239 -36.10 -23.11 -1.26
C ASN A 239 -36.36 -24.32 -0.36
N LEU A 240 -35.47 -24.57 0.63
CA LEU A 240 -35.61 -25.65 1.61
C LEU A 240 -36.76 -25.33 2.58
N LYS A 241 -36.98 -24.02 2.84
CA LYS A 241 -38.06 -23.50 3.69
C LYS A 241 -39.40 -23.58 2.95
N VAL A 242 -39.36 -23.54 1.61
CA VAL A 242 -40.53 -23.64 0.73
C VAL A 242 -41.08 -25.07 0.73
N ILE A 243 -40.18 -26.08 0.64
CA ILE A 243 -40.50 -27.52 0.64
C ILE A 243 -41.30 -27.94 1.88
N GLU A 244 -40.82 -27.59 3.09
CA GLU A 244 -41.46 -27.91 4.37
C GLU A 244 -42.82 -27.18 4.55
N LYS A 245 -42.98 -26.01 3.88
CA LYS A 245 -44.20 -25.21 3.93
C LYS A 245 -45.21 -25.59 2.82
N ALA A 246 -44.75 -26.26 1.75
CA ALA A 246 -45.57 -26.70 0.61
C ALA A 246 -46.51 -27.84 0.97
N ASP A 247 -47.71 -27.85 0.34
CA ASP A 247 -48.75 -28.86 0.56
C ASP A 247 -48.81 -29.89 -0.58
N ASN A 248 -48.51 -29.46 -1.82
CA ASN A 248 -48.53 -30.31 -3.02
C ASN A 248 -47.12 -30.60 -3.55
N ALA A 249 -46.97 -31.73 -4.29
CA ALA A 249 -45.71 -32.19 -4.88
C ALA A 249 -45.15 -31.27 -5.96
N ALA A 250 -46.02 -30.53 -6.68
CA ALA A 250 -45.64 -29.58 -7.74
C ALA A 250 -44.76 -28.44 -7.21
N GLN A 251 -45.05 -27.95 -5.99
CA GLN A 251 -44.29 -26.89 -5.33
C GLN A 251 -42.96 -27.44 -4.80
N VAL A 252 -42.94 -28.73 -4.41
CA VAL A 252 -41.76 -29.43 -3.89
C VAL A 252 -40.78 -29.70 -5.05
N LYS A 253 -41.30 -30.21 -6.19
CA LYS A 253 -40.52 -30.52 -7.39
C LYS A 253 -39.91 -29.28 -8.03
N ASP A 254 -40.64 -28.13 -8.00
CA ASP A 254 -40.20 -26.84 -8.53
C ASP A 254 -39.00 -26.29 -7.74
N ALA A 255 -39.05 -26.42 -6.40
CA ALA A 255 -38.00 -25.98 -5.49
C ALA A 255 -36.74 -26.85 -5.59
N LEU A 256 -36.92 -28.18 -5.77
CA LEU A 256 -35.83 -29.14 -5.90
C LEU A 256 -35.02 -28.94 -7.19
N THR A 257 -35.68 -28.51 -8.29
CA THR A 257 -35.02 -28.22 -9.57
C THR A 257 -34.20 -26.92 -9.44
N LYS A 258 -34.73 -25.95 -8.66
CA LYS A 258 -34.09 -24.67 -8.37
C LYS A 258 -32.92 -24.86 -7.40
N MET A 259 -33.01 -25.88 -6.52
CA MET A 259 -31.97 -26.23 -5.57
C MET A 259 -30.82 -26.98 -6.24
N ARG A 260 -31.13 -27.90 -7.18
CA ARG A 260 -30.16 -28.69 -7.94
C ARG A 260 -29.27 -27.78 -8.79
N ALA A 261 -29.87 -26.75 -9.42
CA ALA A 261 -29.18 -25.76 -10.24
C ALA A 261 -28.22 -24.90 -9.39
N ALA A 262 -28.68 -24.49 -8.18
CA ALA A 262 -27.91 -23.68 -7.24
C ALA A 262 -26.75 -24.49 -6.62
N ALA A 263 -26.95 -25.80 -6.39
CA ALA A 263 -25.95 -26.70 -5.81
C ALA A 263 -24.82 -26.99 -6.81
N LEU A 264 -25.14 -27.05 -8.12
CA LEU A 264 -24.15 -27.29 -9.18
C LEU A 264 -23.27 -26.06 -9.40
N ASP A 265 -23.87 -24.85 -9.30
CA ASP A 265 -23.19 -23.56 -9.46
C ASP A 265 -22.18 -23.31 -8.32
N ALA A 266 -22.59 -23.58 -7.07
CA ALA A 266 -21.77 -23.43 -5.87
C ALA A 266 -20.60 -24.42 -5.81
N GLN A 267 -20.77 -25.60 -6.44
CA GLN A 267 -19.76 -26.66 -6.52
C GLN A 267 -18.56 -26.20 -7.36
N LYS A 268 -18.82 -25.46 -8.45
CA LYS A 268 -17.81 -24.92 -9.36
C LYS A 268 -17.01 -23.77 -8.71
N ALA A 269 -17.72 -22.85 -8.01
CA ALA A 269 -17.13 -21.70 -7.32
C ALA A 269 -16.28 -22.12 -6.11
N THR A 270 -15.27 -21.28 -5.79
CA THR A 270 -14.32 -21.51 -4.69
C THR A 270 -14.73 -20.71 -3.43
N PRO A 271 -14.83 -21.35 -2.23
CA PRO A 271 -15.19 -20.59 -1.03
C PRO A 271 -14.06 -19.70 -0.50
N PRO A 272 -14.33 -18.62 0.29
CA PRO A 272 -13.24 -17.74 0.76
C PRO A 272 -12.19 -18.40 1.65
N LYS A 273 -12.59 -19.44 2.42
CA LYS A 273 -11.69 -20.18 3.32
C LYS A 273 -10.70 -21.09 2.57
N LEU A 274 -10.91 -21.32 1.25
CA LEU A 274 -10.05 -22.17 0.42
C LEU A 274 -9.32 -21.41 -0.72
N GLU A 275 -9.13 -20.09 -0.58
CA GLU A 275 -8.44 -19.26 -1.56
C GLU A 275 -6.94 -19.56 -1.63
N ASP A 276 -6.32 -19.89 -0.47
CA ASP A 276 -4.91 -20.23 -0.33
C ASP A 276 -4.61 -21.68 -0.75
N LYS A 277 -5.65 -22.53 -0.77
CA LYS A 277 -5.53 -23.96 -1.12
C LYS A 277 -5.57 -24.20 -2.63
N SER A 278 -4.82 -25.25 -3.06
CA SER A 278 -4.69 -25.69 -4.46
C SER A 278 -6.03 -26.24 -4.99
N PRO A 279 -6.38 -26.05 -6.29
CA PRO A 279 -7.66 -26.59 -6.81
C PRO A 279 -7.78 -28.12 -6.78
N ASP A 280 -6.66 -28.84 -6.52
CA ASP A 280 -6.60 -30.30 -6.43
C ASP A 280 -6.25 -30.79 -5.00
N SER A 281 -6.28 -29.88 -4.01
CA SER A 281 -5.99 -30.18 -2.59
C SER A 281 -7.13 -31.00 -1.95
N PRO A 282 -6.91 -31.74 -0.83
CA PRO A 282 -8.01 -32.51 -0.21
C PRO A 282 -9.15 -31.65 0.33
N GLU A 283 -8.83 -30.39 0.70
CA GLU A 283 -9.78 -29.40 1.21
C GLU A 283 -10.76 -29.01 0.09
N MET A 284 -10.24 -28.83 -1.14
CA MET A 284 -11.02 -28.49 -2.33
C MET A 284 -11.73 -29.71 -2.91
N LYS A 285 -11.16 -30.91 -2.72
CA LYS A 285 -11.73 -32.18 -3.19
C LYS A 285 -12.94 -32.58 -2.35
N ASP A 286 -12.88 -32.36 -1.02
CA ASP A 286 -13.97 -32.66 -0.08
C ASP A 286 -15.14 -31.68 -0.24
N PHE A 287 -14.83 -30.40 -0.59
CA PHE A 287 -15.84 -29.36 -0.83
C PHE A 287 -16.67 -29.72 -2.06
N ARG A 288 -16.01 -30.20 -3.13
CA ARG A 288 -16.65 -30.62 -4.37
C ARG A 288 -17.44 -31.92 -4.15
N HIS A 289 -16.91 -32.83 -3.31
CA HIS A 289 -17.53 -34.12 -2.95
C HIS A 289 -18.77 -33.91 -2.10
N GLY A 290 -18.79 -32.84 -1.29
CA GLY A 290 -19.91 -32.46 -0.44
C GLY A 290 -21.16 -32.16 -1.23
N PHE A 291 -21.01 -31.43 -2.35
CA PHE A 291 -22.10 -31.09 -3.26
C PHE A 291 -22.49 -32.28 -4.13
N ASP A 292 -21.55 -33.24 -4.36
CA ASP A 292 -21.79 -34.45 -5.15
C ASP A 292 -22.79 -35.38 -4.45
N ILE A 293 -22.73 -35.42 -3.11
CA ILE A 293 -23.63 -36.20 -2.25
C ILE A 293 -24.97 -35.45 -2.15
N LEU A 294 -24.91 -34.09 -2.04
CA LEU A 294 -26.07 -33.21 -1.94
C LEU A 294 -26.94 -33.24 -3.21
N VAL A 295 -26.32 -33.28 -4.40
CA VAL A 295 -27.02 -33.35 -5.69
C VAL A 295 -27.76 -34.71 -5.80
N GLY A 296 -27.08 -35.78 -5.39
CA GLY A 296 -27.62 -37.13 -5.35
C GLY A 296 -28.82 -37.25 -4.43
N GLN A 297 -28.76 -36.55 -3.28
CA GLN A 297 -29.84 -36.49 -2.28
C GLN A 297 -31.03 -35.66 -2.78
N ILE A 298 -30.77 -34.66 -3.66
CA ILE A 298 -31.81 -33.82 -4.27
C ILE A 298 -32.57 -34.67 -5.30
N ASP A 299 -31.83 -35.46 -6.12
CA ASP A 299 -32.37 -36.37 -7.12
C ASP A 299 -33.16 -37.52 -6.48
N ASP A 300 -32.71 -38.01 -5.31
CA ASP A 300 -33.39 -39.07 -4.54
C ASP A 300 -34.71 -38.52 -3.99
N ALA A 301 -34.71 -37.24 -3.58
CA ALA A 301 -35.90 -36.54 -3.08
C ALA A 301 -36.87 -36.28 -4.23
N LEU A 302 -36.35 -35.98 -5.45
CA LEU A 302 -37.11 -35.76 -6.67
C LEU A 302 -37.79 -37.06 -7.12
N LYS A 303 -37.08 -38.20 -6.99
CA LYS A 303 -37.56 -39.54 -7.34
C LYS A 303 -38.77 -39.93 -6.47
N LEU A 304 -38.83 -39.41 -5.22
CA LEU A 304 -39.92 -39.63 -4.28
C LEU A 304 -41.03 -38.61 -4.51
N ALA A 305 -40.67 -37.37 -4.91
CA ALA A 305 -41.62 -36.28 -5.19
C ALA A 305 -42.40 -36.55 -6.48
N ASN A 306 -41.78 -37.25 -7.45
CA ASN A 306 -42.40 -37.62 -8.73
C ASN A 306 -43.40 -38.77 -8.55
N GLU A 307 -43.18 -39.62 -7.52
CA GLU A 307 -44.05 -40.75 -7.17
C GLU A 307 -45.35 -40.30 -6.49
N GLY A 308 -45.40 -39.03 -6.08
CA GLY A 308 -46.57 -38.46 -5.42
C GLY A 308 -46.42 -38.32 -3.92
N LYS A 309 -45.32 -38.88 -3.37
CA LYS A 309 -44.99 -38.83 -1.94
C LYS A 309 -44.52 -37.42 -1.57
N VAL A 310 -45.47 -36.47 -1.45
CA VAL A 310 -45.20 -35.06 -1.11
C VAL A 310 -44.65 -34.90 0.30
N LYS A 311 -45.21 -35.63 1.29
CA LYS A 311 -44.77 -35.60 2.68
C LYS A 311 -43.42 -36.28 2.86
N GLU A 312 -43.22 -37.47 2.24
CA GLU A 312 -41.97 -38.25 2.29
C GLU A 312 -40.77 -37.52 1.65
N ALA A 313 -41.04 -36.62 0.69
CA ALA A 313 -40.03 -35.80 0.01
C ALA A 313 -39.50 -34.71 0.95
N GLN A 314 -40.37 -34.22 1.87
CA GLN A 314 -40.03 -33.20 2.88
C GLN A 314 -39.05 -33.76 3.91
N ALA A 315 -39.09 -35.08 4.15
CA ALA A 315 -38.20 -35.79 5.07
C ALA A 315 -36.80 -35.91 4.45
N ALA A 316 -36.73 -36.11 3.11
CA ALA A 316 -35.49 -36.21 2.35
C ALA A 316 -34.82 -34.84 2.20
N ALA A 317 -35.62 -33.75 2.20
CA ALA A 317 -35.14 -32.37 2.12
C ALA A 317 -34.48 -31.96 3.44
N GLU A 318 -34.89 -32.59 4.55
CA GLU A 318 -34.34 -32.39 5.88
C GLU A 318 -33.15 -33.33 6.09
N GLN A 319 -33.09 -34.42 5.29
CA GLN A 319 -32.01 -35.42 5.33
C GLN A 319 -30.73 -34.83 4.70
N LEU A 320 -30.90 -34.00 3.65
CA LEU A 320 -29.79 -33.33 2.96
C LEU A 320 -29.29 -32.10 3.75
N LYS A 321 -30.07 -31.64 4.75
CA LYS A 321 -29.71 -30.53 5.63
C LYS A 321 -28.55 -30.93 6.54
N THR A 322 -28.49 -32.23 6.92
CA THR A 322 -27.44 -32.84 7.75
C THR A 322 -26.11 -32.88 6.95
N THR A 323 -26.20 -33.16 5.63
CA THR A 323 -25.07 -33.22 4.70
C THR A 323 -24.43 -31.83 4.55
N ARG A 324 -25.29 -30.78 4.47
CA ARG A 324 -24.92 -29.38 4.36
C ARG A 324 -24.11 -28.93 5.60
N ASN A 325 -24.48 -29.46 6.78
CA ASN A 325 -23.85 -29.15 8.07
C ASN A 325 -22.56 -29.93 8.33
N ALA A 326 -22.44 -31.16 7.77
CA ALA A 326 -21.27 -32.03 7.99
C ALA A 326 -20.23 -32.03 6.85
N TYR A 327 -20.51 -31.36 5.72
CA TYR A 327 -19.57 -31.34 4.58
C TYR A 327 -19.31 -29.96 3.97
N ILE A 328 -20.35 -29.10 3.86
CA ILE A 328 -20.23 -27.77 3.25
C ILE A 328 -20.19 -26.59 4.24
N GLN A 329 -20.60 -26.82 5.50
CA GLN A 329 -20.64 -25.78 6.55
C GLN A 329 -19.25 -25.30 6.98
N LYS A 330 -18.29 -26.23 7.13
CA LYS A 330 -16.92 -25.93 7.57
C LYS A 330 -16.12 -25.07 6.57
N TYR A 331 -16.48 -25.11 5.28
CA TYR A 331 -15.81 -24.33 4.23
C TYR A 331 -16.46 -22.97 3.98
N LEU A 332 -17.80 -22.91 4.03
CA LEU A 332 -18.57 -21.68 3.81
C LEU A 332 -18.65 -20.85 5.09
N LEU A 337 -12.38 -12.20 2.78
CA LEU A 337 -11.98 -12.13 4.18
C LEU A 337 -11.19 -10.84 4.51
N SER A 338 -10.41 -10.86 5.61
CA SER A 338 -9.59 -9.73 6.08
C SER A 338 -8.51 -9.30 5.09
N SER A 339 -7.94 -10.26 4.34
CA SER A 339 -6.89 -10.06 3.32
C SER A 339 -7.23 -9.00 2.27
N HIS A 340 -8.53 -8.88 1.92
CA HIS A 340 -9.06 -7.92 0.96
C HIS A 340 -9.02 -6.49 1.52
N LYS A 341 -9.45 -6.31 2.79
CA LYS A 341 -9.51 -5.03 3.50
C LYS A 341 -8.11 -4.42 3.70
N LYS A 342 -7.14 -5.23 4.15
CA LYS A 342 -5.76 -4.84 4.41
C LYS A 342 -5.02 -4.47 3.11
N ALA A 343 -5.36 -5.13 1.98
CA ALA A 343 -4.77 -4.87 0.67
C ALA A 343 -5.27 -3.53 0.12
N ILE A 344 -6.58 -3.25 0.25
CA ILE A 344 -7.24 -2.01 -0.19
C ILE A 344 -6.68 -0.78 0.56
N GLY A 345 -6.46 -0.95 1.87
CA GLY A 345 -5.89 0.07 2.74
C GLY A 345 -4.48 0.42 2.31
N MET A 346 -3.67 -0.61 1.98
CA MET A 346 -2.30 -0.47 1.50
C MET A 346 -2.26 0.30 0.17
N ILE A 347 -3.27 0.08 -0.70
CA ILE A 347 -3.39 0.77 -2.00
C ILE A 347 -3.58 2.28 -1.77
N MET A 348 -4.64 2.66 -1.03
CA MET A 348 -5.01 4.05 -0.71
C MET A 348 -3.86 4.89 -0.14
N VAL A 349 -3.28 4.45 1.00
CA VAL A 349 -2.18 5.11 1.71
C VAL A 349 -1.01 5.40 0.78
N VAL A 350 -0.46 4.36 0.10
CA VAL A 350 0.66 4.46 -0.83
C VAL A 350 0.32 5.35 -2.04
N THR A 351 -0.91 5.22 -2.61
CA THR A 351 -1.35 6.06 -3.74
C THR A 351 -1.41 7.54 -3.31
N ALA A 352 -1.94 7.82 -2.10
CA ALA A 352 -2.04 9.16 -1.53
C ALA A 352 -0.64 9.73 -1.26
N ALA A 353 0.29 8.86 -0.82
CA ALA A 353 1.69 9.22 -0.56
C ALA A 353 2.40 9.53 -1.87
N PHE A 354 2.06 8.79 -2.94
CA PHE A 354 2.67 9.00 -4.25
C PHE A 354 2.14 10.24 -4.96
N LEU A 355 0.88 10.63 -4.71
CA LEU A 355 0.26 11.79 -5.35
C LEU A 355 0.48 13.11 -4.60
N VAL A 356 0.60 13.05 -3.25
CA VAL A 356 0.76 14.24 -2.41
C VAL A 356 2.24 14.48 -2.04
N SER A 357 2.98 13.43 -1.60
CA SER A 357 4.38 13.58 -1.20
C SER A 357 5.39 13.56 -2.35
N PHE A 358 5.47 12.44 -3.11
CA PHE A 358 6.49 12.19 -4.13
C PHE A 358 6.23 12.81 -5.52
N MET A 359 4.98 12.77 -6.04
CA MET A 359 4.69 13.31 -7.37
C MET A 359 4.93 14.83 -7.51
N PRO A 360 4.42 15.73 -6.62
CA PRO A 360 4.69 17.18 -6.82
C PRO A 360 6.17 17.54 -6.71
N TYR A 361 6.92 16.83 -5.84
CA TYR A 361 8.36 17.03 -5.62
C TYR A 361 9.15 16.79 -6.91
N HIS A 362 9.00 15.58 -7.50
CA HIS A 362 9.70 15.19 -8.73
C HIS A 362 9.26 15.99 -9.95
N ILE A 363 8.01 16.52 -9.94
CA ILE A 363 7.49 17.36 -11.02
C ILE A 363 8.13 18.75 -10.95
N GLN A 364 8.02 19.42 -9.77
CA GLN A 364 8.57 20.76 -9.51
C GLN A 364 10.07 20.81 -9.75
N ARG A 365 10.82 19.79 -9.27
CA ARG A 365 12.27 19.67 -9.39
C ARG A 365 12.72 19.69 -10.86
N THR A 366 11.97 18.99 -11.74
CA THR A 366 12.21 18.91 -13.18
C THR A 366 12.08 20.31 -13.81
N ILE A 367 11.02 21.05 -13.43
CA ILE A 367 10.74 22.42 -13.90
C ILE A 367 11.78 23.41 -13.36
N HIS A 368 12.21 23.21 -12.09
CA HIS A 368 13.19 24.05 -11.41
C HIS A 368 14.58 24.01 -12.04
N LEU A 369 15.09 22.79 -12.33
CA LEU A 369 16.42 22.61 -12.94
C LEU A 369 16.50 23.11 -14.37
N HIS A 370 15.38 23.04 -15.12
CA HIS A 370 15.29 23.55 -16.49
C HIS A 370 15.32 25.08 -16.48
N PHE A 371 14.74 25.69 -15.42
CA PHE A 371 14.68 27.14 -15.21
C PHE A 371 16.05 27.71 -14.84
N LEU A 372 16.82 27.00 -13.98
CA LEU A 372 18.15 27.41 -13.53
C LEU A 372 19.18 27.46 -14.66
N HIS A 373 19.05 26.56 -15.66
CA HIS A 373 19.93 26.49 -16.82
C HIS A 373 19.65 27.60 -17.86
N ASN A 374 18.46 28.23 -17.78
CA ASN A 374 18.04 29.30 -18.69
C ASN A 374 18.76 30.62 -18.39
N GLU A 375 19.05 31.40 -19.44
CA GLU A 375 19.75 32.68 -19.36
C GLU A 375 18.86 33.82 -18.82
N THR A 376 17.61 33.90 -19.30
CA THR A 376 16.65 34.91 -18.87
C THR A 376 15.82 34.43 -17.67
N LYS A 377 15.98 35.08 -16.51
CA LYS A 377 15.26 34.73 -15.28
C LYS A 377 14.83 35.99 -14.49
N PRO A 378 13.65 36.59 -14.83
CA PRO A 378 13.21 37.79 -14.11
C PRO A 378 12.70 37.50 -12.69
N CYS A 379 12.76 38.53 -11.81
CA CYS A 379 12.35 38.50 -10.39
C CYS A 379 10.99 37.80 -10.14
N ASP A 380 9.96 38.15 -10.92
CA ASP A 380 8.61 37.59 -10.81
C ASP A 380 8.56 36.08 -11.07
N SER A 381 9.33 35.61 -12.09
CA SER A 381 9.41 34.20 -12.47
C SER A 381 10.21 33.39 -11.44
N VAL A 382 11.29 33.98 -10.90
CA VAL A 382 12.17 33.37 -9.87
C VAL A 382 11.36 33.21 -8.56
N LEU A 383 10.49 34.20 -8.26
CA LEU A 383 9.61 34.25 -7.09
C LEU A 383 8.66 33.04 -7.05
N ARG A 384 8.11 32.64 -8.21
CA ARG A 384 7.20 31.51 -8.34
C ARG A 384 7.91 30.18 -8.07
N MET A 385 9.11 30.00 -8.67
CA MET A 385 9.94 28.79 -8.52
C MET A 385 10.36 28.59 -7.07
N GLN A 386 10.76 29.69 -6.40
CA GLN A 386 11.17 29.68 -4.99
C GLN A 386 10.00 29.44 -4.03
N LYS A 387 8.77 29.80 -4.43
CA LYS A 387 7.55 29.58 -3.62
C LYS A 387 7.04 28.14 -3.81
N SER A 388 7.07 27.64 -5.06
CA SER A 388 6.63 26.29 -5.45
C SER A 388 7.46 25.21 -4.78
N VAL A 389 8.79 25.42 -4.67
CA VAL A 389 9.71 24.47 -4.04
C VAL A 389 9.43 24.38 -2.52
N VAL A 390 9.05 25.51 -1.87
CA VAL A 390 8.71 25.55 -0.44
C VAL A 390 7.56 24.59 -0.15
N ILE A 391 6.52 24.60 -1.01
CA ILE A 391 5.33 23.75 -0.91
C ILE A 391 5.70 22.27 -1.15
N THR A 392 6.27 21.97 -2.34
CA THR A 392 6.61 20.61 -2.78
C THR A 392 7.64 19.90 -1.89
N LEU A 393 8.69 20.61 -1.40
CA LEU A 393 9.70 20.02 -0.53
C LEU A 393 9.12 19.71 0.85
N SER A 394 8.16 20.53 1.32
CA SER A 394 7.47 20.33 2.59
C SER A 394 6.57 19.10 2.50
N LEU A 395 5.92 18.90 1.33
CA LEU A 395 5.07 17.75 1.05
C LEU A 395 5.94 16.51 0.91
N ALA A 396 7.14 16.67 0.31
CA ALA A 396 8.13 15.59 0.15
C ALA A 396 8.60 15.13 1.53
N ALA A 397 8.78 16.09 2.47
CA ALA A 397 9.19 15.82 3.84
C ALA A 397 8.05 15.21 4.66
N SER A 398 6.78 15.41 4.24
CA SER A 398 5.59 14.90 4.93
C SER A 398 5.36 13.38 4.73
N ASN A 399 6.24 12.70 3.95
CA ASN A 399 6.17 11.25 3.69
C ASN A 399 6.25 10.41 4.97
N CYS A 400 6.86 10.96 6.03
CA CYS A 400 7.01 10.34 7.35
C CYS A 400 5.68 10.25 8.09
N CYS A 401 4.71 11.12 7.72
CA CYS A 401 3.36 11.16 8.31
C CYS A 401 2.43 10.15 7.62
N PHE A 402 2.81 9.65 6.43
CA PHE A 402 2.04 8.67 5.67
C PHE A 402 2.22 7.25 6.18
N ASP A 403 3.42 6.93 6.68
CA ASP A 403 3.77 5.60 7.19
C ASP A 403 3.02 5.18 8.48
N PRO A 404 2.73 6.03 9.51
CA PRO A 404 1.95 5.54 10.66
C PRO A 404 0.53 5.09 10.25
N LEU A 405 -0.06 5.75 9.23
CA LEU A 405 -1.37 5.43 8.66
C LEU A 405 -1.35 4.07 7.95
N LEU A 406 -0.19 3.65 7.42
CA LEU A 406 -0.01 2.35 6.75
C LEU A 406 -0.19 1.19 7.74
N TYR A 407 0.21 1.39 9.01
CA TYR A 407 0.07 0.41 10.08
C TYR A 407 -1.39 0.26 10.51
N PHE A 408 -2.08 1.40 10.71
CA PHE A 408 -3.48 1.47 11.14
C PHE A 408 -4.48 0.98 10.10
N PHE A 409 -4.20 1.20 8.80
CA PHE A 409 -5.10 0.83 7.71
C PHE A 409 -4.68 -0.44 6.91
N SER A 410 -3.53 -1.07 7.26
CA SER A 410 -3.05 -2.26 6.54
C SER A 410 -2.21 -3.23 7.39
N GLY A 411 -2.16 -4.49 6.94
CA GLY A 411 -1.43 -5.61 7.54
C GLY A 411 -1.60 -5.84 9.02
N GLY A 412 -2.83 -5.74 9.51
CA GLY A 412 -3.18 -5.93 10.91
C GLY A 412 -2.64 -4.87 11.84
#